data_5JPU
#
_entry.id   5JPU
#
_cell.length_a   65.539
_cell.length_b   65.539
_cell.length_c   72.857
_cell.angle_alpha   90.00
_cell.angle_beta   90.00
_cell.angle_gamma   90.00
#
_symmetry.space_group_name_H-M   'P 41'
#
loop_
_entity.id
_entity.type
_entity.pdbx_description
1 polymer 'limonene epoxide hydrolase'
2 non-polymer (1S,2S)-cyclohexane-1,2-diol
3 water water
#
_entity_poly.entity_id   1
_entity_poly.type   'polypeptide(L)'
_entity_poly.pdbx_seq_one_letter_code
;MHHHHHHTSKIEQPRWASKDDAAGKASTPDEKIVLEFMDALTSNDAAKLIDYFAEDTMYQNMPLPPAYGRDAVEQTLAGF
FKVFSIDAVETFHIGSTKGLVYTERVDVLRALPTGKSYNVSVLGVFQLTEGKITGWRDYFDLREVEEAVDLPFRG
;
_entity_poly.pdbx_strand_id   A,B
#
loop_
_chem_comp.id
_chem_comp.type
_chem_comp.name
_chem_comp.formula
3ZQ non-polymer (1S,2S)-cyclohexane-1,2-diol 'C6 H12 O2'
#
# COMPACT_ATOMS: atom_id res chain seq x y z
N SER A 27 14.83 19.30 -22.36
CA SER A 27 13.68 19.21 -21.46
C SER A 27 12.49 19.98 -22.00
N THR A 28 11.40 19.26 -22.26
CA THR A 28 10.14 19.89 -22.66
C THR A 28 9.55 20.61 -21.47
N PRO A 29 8.60 21.53 -21.71
CA PRO A 29 7.94 22.19 -20.60
C PRO A 29 7.29 21.22 -19.60
N ASP A 30 6.64 20.17 -20.11
CA ASP A 30 6.05 19.16 -19.21
C ASP A 30 7.12 18.41 -18.41
N GLU A 31 8.23 18.05 -19.05
CA GLU A 31 9.31 17.38 -18.31
C GLU A 31 9.84 18.31 -17.20
N LYS A 32 9.93 19.60 -17.50
CA LYS A 32 10.37 20.59 -16.51
C LYS A 32 9.49 20.57 -15.26
N ILE A 33 8.18 20.53 -15.49
CA ILE A 33 7.22 20.55 -14.40
C ILE A 33 7.36 19.28 -13.57
N VAL A 34 7.48 18.14 -14.26
CA VAL A 34 7.65 16.87 -13.56
C VAL A 34 8.92 16.85 -12.70
N LEU A 35 10.02 17.40 -13.23
CA LEU A 35 11.26 17.46 -12.46
C LEU A 35 11.13 18.36 -11.24
N GLU A 36 10.39 19.46 -11.37
CA GLU A 36 10.11 20.34 -10.23
C GLU A 36 9.33 19.59 -9.16
N PHE A 37 8.34 18.82 -9.61
CA PHE A 37 7.53 18.01 -8.68
C PHE A 37 8.40 16.98 -7.96
N MET A 38 9.26 16.29 -8.70
CA MET A 38 10.19 15.34 -8.09
C MET A 38 11.08 16.01 -7.03
N ASP A 39 11.61 17.20 -7.34
CA ASP A 39 12.38 17.99 -6.38
C ASP A 39 11.57 18.29 -5.11
N ALA A 40 10.27 18.49 -5.28
CA ALA A 40 9.40 18.89 -4.19
C ALA A 40 9.02 17.73 -3.28
N LEU A 41 9.23 16.49 -3.72
CA LEU A 41 8.80 15.34 -2.93
C LEU A 41 9.43 15.32 -1.54
N THR A 42 10.68 15.76 -1.45
CA THR A 42 11.38 15.73 -0.17
C THR A 42 10.85 16.76 0.82
N SER A 43 9.90 17.59 0.39
CA SER A 43 9.20 18.47 1.31
C SER A 43 8.30 17.71 2.26
N ASN A 44 7.88 16.51 1.85
CA ASN A 44 6.96 15.71 2.65
C ASN A 44 5.72 16.51 3.03
N ASP A 45 5.27 17.35 2.10
CA ASP A 45 4.18 18.29 2.35
C ASP A 45 3.10 18.12 1.29
N ALA A 46 2.02 17.43 1.66
CA ALA A 46 0.95 17.15 0.71
C ALA A 46 0.28 18.43 0.19
N ALA A 47 0.16 19.44 1.06
CA ALA A 47 -0.48 20.70 0.67
C ALA A 47 0.33 21.41 -0.41
N LYS A 48 1.65 21.33 -0.31
CA LYS A 48 2.54 21.89 -1.31
C LYS A 48 2.52 21.09 -2.60
N LEU A 49 2.60 19.77 -2.47
CA LEU A 49 2.64 18.90 -3.63
C LEU A 49 1.35 18.92 -4.45
N ILE A 50 0.21 19.02 -3.78
CA ILE A 50 -1.06 18.97 -4.51
C ILE A 50 -1.24 20.14 -5.47
N ASP A 51 -0.50 21.22 -5.26
CA ASP A 51 -0.58 22.36 -6.16
C ASP A 51 -0.21 22.03 -7.60
N TYR A 52 0.53 20.93 -7.81
CA TYR A 52 0.90 20.52 -9.16
C TYR A 52 -0.22 19.81 -9.89
N PHE A 53 -1.32 19.53 -9.19
CA PHE A 53 -2.38 18.68 -9.74
C PHE A 53 -3.63 19.47 -10.15
N ALA A 54 -4.20 19.05 -11.27
CA ALA A 54 -5.52 19.54 -11.71
C ALA A 54 -6.60 18.97 -10.80
N GLU A 55 -7.77 19.58 -10.79
CA GLU A 55 -8.91 18.97 -10.09
C GLU A 55 -9.25 17.61 -10.68
N ASP A 56 -9.29 17.54 -12.01
CA ASP A 56 -9.55 16.29 -12.70
C ASP A 56 -8.25 15.51 -12.84
N THR A 57 -7.93 14.74 -11.82
CA THR A 57 -6.66 14.02 -11.80
C THR A 57 -6.84 12.69 -11.10
N MET A 58 -5.77 11.89 -11.08
CA MET A 58 -5.79 10.63 -10.37
C MET A 58 -4.35 10.20 -10.12
N TYR A 59 -4.19 9.35 -9.11
CA TYR A 59 -2.92 8.73 -8.81
C TYR A 59 -3.17 7.24 -8.67
N GLN A 60 -2.37 6.44 -9.36
CA GLN A 60 -2.46 4.99 -9.20
C GLN A 60 -1.10 4.39 -8.89
N ASN A 61 -1.01 3.75 -7.73
CA ASN A 61 0.20 3.08 -7.27
C ASN A 61 0.02 1.62 -7.62
N MET A 62 0.64 1.20 -8.72
CA MET A 62 0.29 -0.07 -9.35
C MET A 62 0.61 -1.28 -8.48
N PRO A 63 -0.31 -2.25 -8.43
CA PRO A 63 -1.57 -2.38 -9.18
C PRO A 63 -2.81 -1.97 -8.37
N LEU A 64 -2.63 -1.21 -7.30
CA LEU A 64 -3.75 -0.85 -6.43
C LEU A 64 -4.77 0.02 -7.15
N PRO A 65 -6.02 0.01 -6.69
CA PRO A 65 -7.03 0.89 -7.28
C PRO A 65 -6.59 2.35 -7.19
N PRO A 66 -6.93 3.16 -8.18
CA PRO A 66 -6.51 4.56 -8.18
C PRO A 66 -7.16 5.39 -7.06
N ALA A 67 -6.49 6.48 -6.70
CA ALA A 67 -7.11 7.58 -5.96
C ALA A 67 -7.70 8.51 -7.01
N TYR A 68 -9.03 8.62 -7.01
CA TYR A 68 -9.74 9.42 -8.01
C TYR A 68 -9.97 10.85 -7.54
N GLY A 69 -9.54 11.82 -8.35
CA GLY A 69 -9.76 13.21 -8.02
C GLY A 69 -8.67 13.85 -7.17
N ARG A 70 -8.53 15.16 -7.28
CA ARG A 70 -7.47 15.89 -6.58
C ARG A 70 -7.47 15.70 -5.07
N ASP A 71 -8.65 15.75 -4.46
CA ASP A 71 -8.74 15.61 -3.02
C ASP A 71 -8.25 14.24 -2.55
N ALA A 72 -8.59 13.20 -3.29
CA ALA A 72 -8.16 11.85 -2.92
C ALA A 72 -6.64 11.74 -3.05
N VAL A 73 -6.09 12.35 -4.09
CA VAL A 73 -4.63 12.36 -4.23
C VAL A 73 -3.99 13.08 -3.03
N GLU A 74 -4.55 14.21 -2.61
CA GLU A 74 -3.98 14.94 -1.49
C GLU A 74 -4.05 14.09 -0.23
N GLN A 75 -5.18 13.42 -0.01
CA GLN A 75 -5.33 12.58 1.17
C GLN A 75 -4.35 11.41 1.17
N THR A 76 -4.13 10.84 -0.01
CA THR A 76 -3.20 9.73 -0.17
C THR A 76 -1.80 10.16 0.20
N LEU A 77 -1.35 11.31 -0.31
CA LEU A 77 -0.03 11.83 0.03
C LEU A 77 0.07 12.18 1.52
N ALA A 78 -0.95 12.83 2.06
CA ALA A 78 -0.91 13.24 3.46
C ALA A 78 -0.82 12.01 4.36
N GLY A 79 -1.57 10.96 4.01
CA GLY A 79 -1.53 9.73 4.77
C GLY A 79 -0.15 9.08 4.72
N PHE A 80 0.46 9.12 3.54
CA PHE A 80 1.77 8.54 3.36
C PHE A 80 2.80 9.26 4.24
N PHE A 81 2.73 10.60 4.28
CA PHE A 81 3.69 11.39 5.05
C PHE A 81 3.51 11.28 6.58
N LYS A 82 2.45 10.61 7.04
CA LYS A 82 2.30 10.36 8.47
C LYS A 82 3.07 9.12 8.88
N VAL A 83 3.47 8.31 7.90
CA VAL A 83 4.20 7.09 8.21
C VAL A 83 5.60 6.99 7.60
N PHE A 84 5.86 7.76 6.55
CA PHE A 84 7.17 7.76 5.89
C PHE A 84 7.65 9.16 5.65
N SER A 85 8.97 9.36 5.76
CA SER A 85 9.64 10.53 5.20
C SER A 85 10.36 10.13 3.92
N ILE A 86 10.15 10.91 2.86
CA ILE A 86 11.00 10.81 1.68
C ILE A 86 12.25 11.62 2.00
N ASP A 87 13.33 10.91 2.32
CA ASP A 87 14.58 11.56 2.74
C ASP A 87 15.42 12.03 1.56
N ALA A 88 15.24 11.39 0.40
CA ALA A 88 15.99 11.75 -0.78
C ALA A 88 15.32 11.13 -1.98
N VAL A 89 15.46 11.82 -3.12
CA VAL A 89 15.02 11.30 -4.40
C VAL A 89 16.17 11.46 -5.37
N GLU A 90 16.60 10.36 -5.98
CA GLU A 90 17.65 10.43 -6.98
C GLU A 90 17.09 9.99 -8.32
N THR A 91 16.75 10.98 -9.14
CA THR A 91 16.17 10.72 -10.46
C THR A 91 17.31 10.37 -11.40
N PHE A 92 17.15 9.27 -12.14
CA PHE A 92 18.21 8.78 -13.04
C PHE A 92 17.79 8.67 -14.50
N HIS A 93 16.51 8.93 -14.78
CA HIS A 93 16.05 8.97 -16.14
C HIS A 93 14.82 9.83 -16.26
N ILE A 94 14.75 10.61 -17.34
CA ILE A 94 13.50 11.25 -17.72
C ILE A 94 13.39 11.32 -19.23
N GLY A 95 12.17 11.09 -19.72
CA GLY A 95 11.90 11.15 -21.16
C GLY A 95 10.41 11.28 -21.38
N SER A 96 10.00 11.39 -22.64
CA SER A 96 8.59 11.45 -22.98
C SER A 96 8.29 10.55 -24.16
N THR A 97 7.09 10.00 -24.18
CA THR A 97 6.59 9.36 -25.39
C THR A 97 5.08 9.48 -25.48
N LYS A 98 4.63 9.94 -26.66
CA LYS A 98 3.22 10.16 -26.94
C LYS A 98 2.60 11.13 -25.93
N GLY A 99 3.41 12.10 -25.50
CA GLY A 99 2.94 13.17 -24.65
C GLY A 99 3.05 12.89 -23.17
N LEU A 100 3.25 11.62 -22.83
CA LEU A 100 3.36 11.22 -21.43
C LEU A 100 4.81 11.36 -20.98
N VAL A 101 5.01 11.82 -19.75
CA VAL A 101 6.36 11.96 -19.20
C VAL A 101 6.69 10.72 -18.35
N TYR A 102 7.84 10.11 -18.64
CA TYR A 102 8.31 8.93 -17.93
C TYR A 102 9.55 9.31 -17.14
N THR A 103 9.56 9.04 -15.84
CA THR A 103 10.74 9.37 -15.05
C THR A 103 11.01 8.31 -13.99
N GLU A 104 12.29 7.98 -13.82
CA GLU A 104 12.69 6.89 -12.94
C GLU A 104 13.65 7.41 -11.88
N ARG A 105 13.49 6.90 -10.65
CA ARG A 105 14.27 7.38 -9.53
C ARG A 105 14.43 6.29 -8.49
N VAL A 106 15.38 6.50 -7.60
CA VAL A 106 15.42 5.76 -6.34
C VAL A 106 14.98 6.70 -5.24
N ASP A 107 14.01 6.26 -4.45
CA ASP A 107 13.56 6.99 -3.27
C ASP A 107 14.24 6.39 -2.06
N VAL A 108 14.71 7.26 -1.17
CA VAL A 108 15.15 6.83 0.15
C VAL A 108 13.99 7.13 1.09
N LEU A 109 13.34 6.06 1.57
CA LEU A 109 12.15 6.17 2.43
C LEU A 109 12.48 5.77 3.86
N ARG A 110 12.17 6.64 4.81
CA ARG A 110 12.40 6.32 6.21
C ARG A 110 11.06 6.13 6.91
N ALA A 111 10.87 4.96 7.50
CA ALA A 111 9.65 4.65 8.23
C ALA A 111 9.67 5.40 9.56
N LEU A 112 8.73 6.33 9.74
CA LEU A 112 8.75 7.15 10.94
C LEU A 112 8.57 6.39 12.26
N PRO A 113 7.73 5.32 12.29
CA PRO A 113 7.63 4.66 13.59
C PRO A 113 8.82 3.78 13.97
N THR A 114 9.77 3.55 13.06
CA THR A 114 10.89 2.67 13.37
C THR A 114 12.25 3.35 13.22
N GLY A 115 12.32 4.37 12.37
CA GLY A 115 13.58 5.03 12.07
C GLY A 115 14.38 4.30 11.01
N LYS A 116 13.85 3.18 10.50
CA LYS A 116 14.54 2.40 9.49
C LYS A 116 14.35 3.00 8.11
N SER A 117 15.39 2.91 7.28
CA SER A 117 15.38 3.47 5.93
C SER A 117 15.46 2.38 4.86
N TYR A 118 14.85 2.65 3.72
CA TYR A 118 14.76 1.71 2.61
C TYR A 118 15.01 2.46 1.32
N ASN A 119 15.76 1.84 0.41
CA ASN A 119 15.90 2.35 -0.95
C ASN A 119 15.00 1.55 -1.88
N VAL A 120 14.23 2.24 -2.70
CA VAL A 120 13.35 1.57 -3.66
C VAL A 120 13.33 2.34 -4.97
N SER A 121 13.44 1.62 -6.07
CA SER A 121 13.30 2.22 -7.39
C SER A 121 11.83 2.35 -7.78
N VAL A 122 11.55 3.35 -8.59
CA VAL A 122 10.18 3.59 -9.02
C VAL A 122 10.13 4.34 -10.35
N LEU A 123 9.17 3.94 -11.17
CA LEU A 123 8.86 4.63 -12.42
C LEU A 123 7.58 5.43 -12.21
N GLY A 124 7.62 6.72 -12.51
CA GLY A 124 6.41 7.52 -12.55
C GLY A 124 6.08 7.86 -13.99
N VAL A 125 4.80 7.71 -14.34
CA VAL A 125 4.29 8.09 -15.66
C VAL A 125 3.26 9.19 -15.44
N PHE A 126 3.47 10.34 -16.10
CA PHE A 126 2.67 11.52 -15.86
C PHE A 126 1.97 12.01 -17.12
N GLN A 127 0.69 12.35 -16.95
CA GLN A 127 -0.09 13.04 -17.96
C GLN A 127 -0.35 14.45 -17.44
N LEU A 128 -0.04 15.44 -18.26
CA LEU A 128 -0.26 16.84 -17.90
C LEU A 128 -1.19 17.48 -18.91
N THR A 129 -2.03 18.38 -18.40
CA THR A 129 -2.93 19.14 -19.23
C THR A 129 -2.81 20.59 -18.79
N GLU A 130 -2.43 21.45 -19.74
CA GLU A 130 -2.14 22.85 -19.45
C GLU A 130 -1.31 23.08 -18.19
N GLY A 131 -0.23 22.32 -18.06
CA GLY A 131 0.75 22.56 -17.02
C GLY A 131 0.42 21.95 -15.68
N LYS A 132 -0.68 21.19 -15.61
CA LYS A 132 -1.09 20.57 -14.36
C LYS A 132 -1.22 19.07 -14.54
N ILE A 133 -0.94 18.32 -13.47
CA ILE A 133 -0.96 16.86 -13.58
C ILE A 133 -2.38 16.34 -13.58
N THR A 134 -2.76 15.68 -14.68
CA THR A 134 -4.09 15.05 -14.77
C THR A 134 -4.07 13.52 -14.60
N GLY A 135 -2.89 12.94 -14.57
CA GLY A 135 -2.78 11.53 -14.27
C GLY A 135 -1.37 11.21 -13.84
N TRP A 136 -1.23 10.34 -12.85
CA TRP A 136 0.07 9.92 -12.35
C TRP A 136 -0.01 8.45 -12.00
N ARG A 137 0.80 7.64 -12.68
CA ARG A 137 0.90 6.23 -12.35
C ARG A 137 2.30 5.90 -11.86
N ASP A 138 2.40 5.25 -10.71
CA ASP A 138 3.69 4.78 -10.19
C ASP A 138 3.80 3.29 -10.31
N TYR A 139 5.00 2.84 -10.66
CA TYR A 139 5.35 1.44 -10.58
C TYR A 139 6.58 1.31 -9.69
N PHE A 140 6.37 0.96 -8.42
CA PHE A 140 7.49 0.70 -7.52
C PHE A 140 8.05 -0.68 -7.80
N ASP A 141 9.31 -0.87 -7.46
CA ASP A 141 9.93 -2.18 -7.55
C ASP A 141 9.25 -3.04 -6.47
N LEU A 142 8.60 -4.13 -6.90
CA LEU A 142 7.88 -4.98 -5.96
C LEU A 142 8.56 -6.33 -5.75
N ARG A 143 9.82 -6.44 -6.18
CA ARG A 143 10.64 -7.61 -5.86
C ARG A 143 11.12 -7.56 -4.41
N GLU A 144 11.38 -8.72 -3.82
CA GLU A 144 11.88 -8.78 -2.45
C GLU A 144 13.35 -8.37 -2.34
N SER B 27 -7.74 -30.24 10.45
CA SER B 27 -7.35 -28.92 10.93
C SER B 27 -6.64 -28.99 12.28
N THR B 28 -5.40 -28.53 12.31
CA THR B 28 -4.65 -28.39 13.56
C THR B 28 -5.25 -27.25 14.37
N PRO B 29 -4.95 -27.19 15.68
CA PRO B 29 -5.43 -26.06 16.48
C PRO B 29 -5.04 -24.70 15.90
N ASP B 30 -3.81 -24.55 15.41
CA ASP B 30 -3.39 -23.28 14.80
C ASP B 30 -4.17 -22.99 13.52
N GLU B 31 -4.39 -24.00 12.69
CA GLU B 31 -5.17 -23.80 11.47
C GLU B 31 -6.59 -23.35 11.80
N LYS B 32 -7.17 -23.94 12.84
CA LYS B 32 -8.50 -23.54 13.29
C LYS B 32 -8.56 -22.06 13.67
N ILE B 33 -7.55 -21.59 14.40
CA ILE B 33 -7.48 -20.18 14.79
C ILE B 33 -7.38 -19.29 13.56
N VAL B 34 -6.50 -19.65 12.63
CA VAL B 34 -6.35 -18.87 11.40
C VAL B 34 -7.65 -18.79 10.60
N LEU B 35 -8.38 -19.90 10.51
CA LEU B 35 -9.67 -19.90 9.82
C LEU B 35 -10.71 -19.02 10.52
N GLU B 36 -10.69 -18.99 11.86
CA GLU B 36 -11.56 -18.09 12.61
C GLU B 36 -11.22 -16.65 12.27
N PHE B 37 -9.92 -16.35 12.23
CA PHE B 37 -9.46 -15.02 11.88
C PHE B 37 -9.92 -14.63 10.47
N MET B 38 -9.75 -15.52 9.50
CA MET B 38 -10.23 -15.27 8.14
C MET B 38 -11.74 -14.97 8.11
N ASP B 39 -12.52 -15.75 8.86
CA ASP B 39 -13.97 -15.51 9.00
C ASP B 39 -14.27 -14.12 9.55
N ALA B 40 -13.40 -13.64 10.43
CA ALA B 40 -13.62 -12.38 11.13
C ALA B 40 -13.26 -11.17 10.27
N LEU B 41 -12.52 -11.37 9.19
CA LEU B 41 -12.10 -10.25 8.35
C LEU B 41 -13.26 -9.40 7.84
N THR B 42 -14.37 -10.04 7.51
CA THR B 42 -15.53 -9.34 6.96
C THR B 42 -16.23 -8.47 8.01
N SER B 43 -15.76 -8.54 9.26
CA SER B 43 -16.24 -7.62 10.29
C SER B 43 -15.76 -6.21 10.05
N ASN B 44 -14.64 -6.07 9.32
CA ASN B 44 -14.05 -4.76 9.06
C ASN B 44 -13.82 -3.99 10.36
N ASP B 45 -13.44 -4.72 11.41
CA ASP B 45 -13.33 -4.17 12.76
C ASP B 45 -11.96 -4.47 13.31
N ALA B 46 -11.08 -3.47 13.28
CA ALA B 46 -9.70 -3.65 13.71
C ALA B 46 -9.60 -4.01 15.20
N ALA B 47 -10.49 -3.45 16.00
CA ALA B 47 -10.50 -3.72 17.44
C ALA B 47 -10.83 -5.17 17.72
N LYS B 48 -11.72 -5.74 16.91
CA LYS B 48 -12.09 -7.15 17.01
C LYS B 48 -10.96 -8.04 16.51
N LEU B 49 -10.40 -7.68 15.36
CA LEU B 49 -9.37 -8.49 14.74
C LEU B 49 -8.06 -8.54 15.53
N ILE B 50 -7.72 -7.44 16.19
CA ILE B 50 -6.46 -7.40 16.91
C ILE B 50 -6.40 -8.37 18.08
N ASP B 51 -7.56 -8.82 18.55
CA ASP B 51 -7.62 -9.78 19.65
C ASP B 51 -6.90 -11.09 19.33
N TYR B 52 -6.74 -11.39 18.04
CA TYR B 52 -6.04 -12.60 17.62
C TYR B 52 -4.52 -12.49 17.72
N PHE B 53 -4.02 -11.29 17.99
CA PHE B 53 -2.57 -11.03 17.94
C PHE B 53 -1.91 -10.91 19.31
N ALA B 54 -0.70 -11.46 19.39
CA ALA B 54 0.18 -11.25 20.55
C ALA B 54 0.71 -9.84 20.55
N GLU B 55 1.17 -9.35 21.71
CA GLU B 55 1.87 -8.07 21.74
C GLU B 55 3.10 -8.09 20.85
N ASP B 56 3.87 -9.17 20.95
CA ASP B 56 5.07 -9.35 20.14
C ASP B 56 4.65 -9.96 18.80
N THR B 57 4.27 -9.10 17.86
CA THR B 57 3.74 -9.56 16.58
C THR B 57 4.18 -8.60 15.48
N MET B 58 3.86 -8.96 14.25
CA MET B 58 4.14 -8.10 13.12
C MET B 58 3.24 -8.49 11.95
N TYR B 59 3.02 -7.53 11.06
CA TYR B 59 2.31 -7.80 9.81
C TYR B 59 3.15 -7.23 8.69
N GLN B 60 3.39 -8.03 7.65
CA GLN B 60 4.08 -7.55 6.49
C GLN B 60 3.30 -7.83 5.22
N ASN B 61 2.96 -6.76 4.50
CA ASN B 61 2.24 -6.83 3.25
C ASN B 61 3.28 -6.73 2.16
N MET B 62 3.68 -7.88 1.63
CA MET B 62 4.91 -7.97 0.84
C MET B 62 4.86 -7.17 -0.45
N PRO B 63 5.97 -6.47 -0.77
CA PRO B 63 7.25 -6.41 -0.07
C PRO B 63 7.44 -5.17 0.80
N LEU B 64 6.35 -4.52 1.22
CA LEU B 64 6.44 -3.30 2.02
C LEU B 64 7.07 -3.58 3.37
N PRO B 65 7.67 -2.54 3.97
CA PRO B 65 8.21 -2.71 5.32
C PRO B 65 7.12 -3.18 6.29
N PRO B 66 7.47 -4.01 7.27
CA PRO B 66 6.47 -4.52 8.21
C PRO B 66 5.90 -3.46 9.12
N ALA B 67 4.71 -3.74 9.65
CA ALA B 67 4.18 -3.05 10.81
C ALA B 67 4.68 -3.81 12.01
N TYR B 68 5.50 -3.17 12.83
CA TYR B 68 6.12 -3.83 13.98
C TYR B 68 5.31 -3.63 15.25
N GLY B 69 4.95 -4.73 15.91
CA GLY B 69 4.23 -4.68 17.16
C GLY B 69 2.72 -4.65 17.01
N ARG B 70 2.01 -5.09 18.06
CA ARG B 70 0.55 -5.19 18.03
C ARG B 70 -0.16 -3.89 17.70
N ASP B 71 0.28 -2.81 18.32
CA ASP B 71 -0.37 -1.52 18.09
C ASP B 71 -0.27 -1.07 16.63
N ALA B 72 0.90 -1.29 16.01
CA ALA B 72 1.09 -0.92 14.62
C ALA B 72 0.20 -1.77 13.72
N VAL B 73 0.07 -3.05 14.04
CA VAL B 73 -0.84 -3.91 13.29
C VAL B 73 -2.27 -3.38 13.40
N GLU B 74 -2.71 -3.00 14.60
CA GLU B 74 -4.07 -2.48 14.76
C GLU B 74 -4.28 -1.22 13.95
N GLN B 75 -3.30 -0.31 13.98
CA GLN B 75 -3.39 0.95 13.24
C GLN B 75 -3.47 0.68 11.74
N THR B 76 -2.70 -0.31 11.28
CA THR B 76 -2.68 -0.67 9.86
C THR B 76 -4.05 -1.16 9.43
N LEU B 77 -4.64 -2.07 10.20
CA LEU B 77 -5.98 -2.55 9.90
C LEU B 77 -7.03 -1.44 9.98
N ALA B 78 -6.94 -0.61 11.01
CA ALA B 78 -7.93 0.44 11.18
C ALA B 78 -7.87 1.43 10.03
N GLY B 79 -6.65 1.73 9.58
CA GLY B 79 -6.49 2.62 8.43
C GLY B 79 -7.05 2.02 7.16
N PHE B 80 -6.83 0.72 6.99
CA PHE B 80 -7.34 0.03 5.82
C PHE B 80 -8.87 0.09 5.76
N PHE B 81 -9.52 -0.13 6.90
CA PHE B 81 -10.99 -0.15 6.96
C PHE B 81 -11.63 1.23 6.80
N LYS B 82 -10.83 2.28 6.76
CA LYS B 82 -11.37 3.62 6.48
C LYS B 82 -11.48 3.86 4.98
N VAL B 83 -10.81 3.03 4.19
CA VAL B 83 -10.84 3.18 2.74
C VAL B 83 -11.41 1.97 1.98
N PHE B 84 -11.41 0.79 2.60
CA PHE B 84 -11.93 -0.40 1.96
C PHE B 84 -12.85 -1.16 2.89
N SER B 85 -13.88 -1.79 2.32
CA SER B 85 -14.62 -2.85 3.00
C SER B 85 -14.20 -4.19 2.41
N ILE B 86 -13.87 -5.13 3.29
CA ILE B 86 -13.76 -6.52 2.89
C ILE B 86 -15.19 -7.06 2.85
N ASP B 87 -15.74 -7.19 1.64
CA ASP B 87 -17.12 -7.62 1.47
C ASP B 87 -17.29 -9.13 1.57
N ALA B 88 -16.24 -9.87 1.24
CA ALA B 88 -16.28 -11.33 1.26
C ALA B 88 -14.86 -11.85 1.23
N VAL B 89 -14.69 -13.02 1.83
CA VAL B 89 -13.43 -13.74 1.78
C VAL B 89 -13.77 -15.17 1.38
N GLU B 90 -13.19 -15.65 0.29
CA GLU B 90 -13.39 -17.05 -0.09
C GLU B 90 -12.07 -17.77 0.00
N THR B 91 -11.88 -18.49 1.10
CA THR B 91 -10.65 -19.24 1.33
C THR B 91 -10.71 -20.53 0.52
N PHE B 92 -9.66 -20.83 -0.24
CA PHE B 92 -9.66 -22.00 -1.11
C PHE B 92 -8.52 -22.99 -0.81
N HIS B 93 -7.65 -22.64 0.14
CA HIS B 93 -6.62 -23.55 0.57
C HIS B 93 -6.16 -23.22 1.98
N ILE B 94 -5.92 -24.26 2.77
CA ILE B 94 -5.23 -24.10 4.04
C ILE B 94 -4.35 -25.31 4.31
N GLY B 95 -3.17 -25.06 4.85
CA GLY B 95 -2.24 -26.12 5.20
C GLY B 95 -1.16 -25.59 6.13
N SER B 96 -0.28 -26.47 6.58
CA SER B 96 0.84 -26.04 7.43
C SER B 96 2.14 -26.68 6.96
N THR B 97 3.24 -25.96 7.17
CA THR B 97 4.55 -26.57 7.01
C THR B 97 5.55 -25.91 7.94
N LYS B 98 6.33 -26.74 8.63
CA LYS B 98 7.28 -26.29 9.63
C LYS B 98 6.64 -25.39 10.69
N GLY B 99 5.38 -25.67 11.01
CA GLY B 99 4.68 -24.97 12.08
C GLY B 99 3.95 -23.72 11.63
N LEU B 100 4.27 -23.25 10.43
CA LEU B 100 3.64 -22.05 9.88
C LEU B 100 2.35 -22.44 9.14
N VAL B 101 1.32 -21.62 9.28
CA VAL B 101 0.06 -21.85 8.60
C VAL B 101 0.00 -21.05 7.30
N TYR B 102 -0.31 -21.74 6.21
CA TYR B 102 -0.43 -21.12 4.90
C TYR B 102 -1.87 -21.17 4.45
N THR B 103 -2.45 -20.03 4.10
CA THR B 103 -3.83 -20.06 3.65
C THR B 103 -4.04 -19.06 2.51
N GLU B 104 -4.83 -19.49 1.53
CA GLU B 104 -5.03 -18.70 0.31
C GLU B 104 -6.52 -18.42 0.10
N ARG B 105 -6.81 -17.22 -0.36
CA ARG B 105 -8.19 -16.76 -0.51
C ARG B 105 -8.31 -15.75 -1.63
N VAL B 106 -9.53 -15.53 -2.07
CA VAL B 106 -9.85 -14.34 -2.85
C VAL B 106 -10.62 -13.40 -1.94
N ASP B 107 -10.17 -12.16 -1.88
CA ASP B 107 -10.87 -11.10 -1.17
C ASP B 107 -11.69 -10.30 -2.16
N VAL B 108 -12.91 -10.00 -1.79
CA VAL B 108 -13.72 -9.02 -2.51
C VAL B 108 -13.60 -7.71 -1.74
N LEU B 109 -12.88 -6.76 -2.33
CA LEU B 109 -12.60 -5.47 -1.68
C LEU B 109 -13.39 -4.36 -2.35
N ARG B 110 -14.13 -3.59 -1.57
CA ARG B 110 -14.87 -2.46 -2.11
C ARG B 110 -14.26 -1.16 -1.61
N ALA B 111 -13.87 -0.31 -2.55
CA ALA B 111 -13.29 0.99 -2.20
C ALA B 111 -14.39 1.92 -1.74
N LEU B 112 -14.33 2.33 -0.48
CA LEU B 112 -15.42 3.14 0.08
C LEU B 112 -15.62 4.50 -0.60
N PRO B 113 -14.53 5.18 -1.04
CA PRO B 113 -14.84 6.46 -1.71
C PRO B 113 -15.41 6.36 -3.11
N THR B 114 -15.43 5.18 -3.73
CA THR B 114 -15.93 5.07 -5.11
C THR B 114 -17.09 4.10 -5.27
N GLY B 115 -17.21 3.16 -4.34
CA GLY B 115 -18.22 2.12 -4.41
C GLY B 115 -17.81 0.97 -5.33
N LYS B 116 -16.62 1.05 -5.90
CA LYS B 116 -16.16 0.05 -6.85
C LYS B 116 -15.55 -1.14 -6.12
N SER B 117 -15.75 -2.33 -6.67
CA SER B 117 -15.29 -3.58 -6.07
C SER B 117 -14.22 -4.28 -6.91
N TYR B 118 -13.34 -4.99 -6.21
CA TYR B 118 -12.21 -5.66 -6.82
C TYR B 118 -12.05 -7.02 -6.20
N ASN B 119 -11.73 -8.01 -7.03
CA ASN B 119 -11.37 -9.33 -6.53
C ASN B 119 -9.87 -9.48 -6.61
N VAL B 120 -9.23 -9.94 -5.53
CA VAL B 120 -7.80 -10.14 -5.52
C VAL B 120 -7.44 -11.40 -4.72
N SER B 121 -6.56 -12.21 -5.26
CA SER B 121 -6.06 -13.37 -4.54
C SER B 121 -4.92 -12.98 -3.59
N VAL B 122 -4.79 -13.74 -2.52
CA VAL B 122 -3.76 -13.47 -1.54
C VAL B 122 -3.40 -14.72 -0.75
N LEU B 123 -2.12 -14.85 -0.47
CA LEU B 123 -1.58 -15.87 0.43
C LEU B 123 -1.23 -15.22 1.75
N GLY B 124 -1.75 -15.78 2.83
CA GLY B 124 -1.32 -15.36 4.17
C GLY B 124 -0.50 -16.47 4.81
N VAL B 125 0.64 -16.09 5.39
CA VAL B 125 1.48 -17.01 6.14
C VAL B 125 1.49 -16.56 7.59
N PHE B 126 1.12 -17.47 8.50
CA PHE B 126 0.94 -17.14 9.90
C PHE B 126 1.86 -17.93 10.83
N GLN B 127 2.44 -17.21 11.77
CA GLN B 127 3.16 -17.81 12.89
C GLN B 127 2.32 -17.57 14.13
N LEU B 128 2.09 -18.62 14.91
CA LEU B 128 1.34 -18.51 16.15
C LEU B 128 2.18 -19.00 17.31
N THR B 129 2.02 -18.35 18.45
CA THR B 129 2.70 -18.77 19.65
C THR B 129 1.64 -18.78 20.74
N GLU B 130 1.44 -19.94 21.36
CA GLU B 130 0.40 -20.10 22.38
C GLU B 130 -0.98 -19.57 21.95
N GLY B 131 -1.38 -19.87 20.72
CA GLY B 131 -2.71 -19.53 20.26
C GLY B 131 -2.91 -18.10 19.78
N LYS B 132 -1.82 -17.33 19.74
CA LYS B 132 -1.91 -15.93 19.30
C LYS B 132 -0.95 -15.70 18.14
N ILE B 133 -1.33 -14.80 17.25
CA ILE B 133 -0.54 -14.57 16.04
C ILE B 133 0.70 -13.73 16.37
N THR B 134 1.88 -14.29 16.15
CA THR B 134 3.12 -13.56 16.37
C THR B 134 3.79 -13.09 15.07
N GLY B 135 3.28 -13.56 13.93
CA GLY B 135 3.73 -13.04 12.66
C GLY B 135 2.71 -13.32 11.59
N TRP B 136 2.54 -12.38 10.68
CA TRP B 136 1.60 -12.53 9.56
C TRP B 136 2.23 -11.86 8.35
N ARG B 137 2.46 -12.64 7.31
CA ARG B 137 2.93 -12.13 6.03
C ARG B 137 1.86 -12.35 4.98
N ASP B 138 1.52 -11.30 4.24
CA ASP B 138 0.61 -11.43 3.10
C ASP B 138 1.37 -11.24 1.82
N TYR B 139 0.99 -12.05 0.83
CA TYR B 139 1.42 -11.85 -0.54
C TYR B 139 0.17 -11.70 -1.40
N PHE B 140 -0.22 -10.46 -1.71
CA PHE B 140 -1.33 -10.23 -2.64
C PHE B 140 -0.84 -10.45 -4.06
N ASP B 141 -1.78 -10.78 -4.95
CA ASP B 141 -1.49 -10.84 -6.36
C ASP B 141 -1.18 -9.42 -6.82
N LEU B 142 0.02 -9.22 -7.35
CA LEU B 142 0.46 -7.88 -7.77
C LEU B 142 0.53 -7.73 -9.29
N ARG B 143 0.00 -8.70 -10.03
CA ARG B 143 -0.10 -8.60 -11.48
C ARG B 143 -1.20 -7.60 -11.88
N GLU B 144 -1.03 -6.94 -13.01
CA GLU B 144 -2.11 -6.13 -13.56
C GLU B 144 -3.26 -7.03 -14.02
C4 3ZQ C . 6.26 8.61 -1.90
C5 3ZQ C . 6.88 8.23 -3.17
C6 3ZQ C . 6.21 9.01 -4.21
C1 3ZQ C . 4.84 8.52 -4.47
C2 3ZQ C . 4.03 8.72 -3.26
C3 3ZQ C . 4.75 8.55 -1.94
O7 3ZQ C . 6.91 8.74 -5.36
O8 3ZQ C . 8.25 8.44 -3.18
C4 3ZQ D . -5.30 -6.64 5.30
C5 3ZQ D . -5.27 -8.10 5.11
C6 3ZQ D . -6.05 -8.49 3.91
C1 3ZQ D . -7.41 -8.01 3.81
C2 3ZQ D . -7.37 -6.55 3.83
C3 3ZQ D . -6.63 -6.01 5.02
O7 3ZQ D . -6.13 -9.85 3.99
O8 3ZQ D . -3.95 -8.49 4.88
#